data_3QDT
#
_entry.id   3QDT
#
_cell.length_a   68.049
_cell.length_b   97.457
_cell.length_c   84.084
_cell.angle_alpha   90.00
_cell.angle_beta   90.00
_cell.angle_gamma   90.00
#
_symmetry.space_group_name_H-M   'C 2 2 21'
#
loop_
_entity.id
_entity.type
_entity.pdbx_description
1 polymer 'BOLETUS EDULIS LECTIN'
2 branched beta-D-galactopyranose-(1-3)-2-acetamido-2-deoxy-alpha-D-galactopyranose
3 water water
#
_entity_poly.entity_id   1
_entity_poly.type   'polypeptide(L)'
_entity_poly.pdbx_seq_one_letter_code
;(ACE)TYSITLRVFQRNPGRGFFSIVEKTVFHYANGGTWSEAKGTHTLTMGGSGTSGVLRFMSDKGELITVAVGVHNYKR
WCDVVTGLKPEETALVINPQYYNNGPRAYTREKQLAEYNVTSVVGTRFEVKYTVVEGNNLEANVIFS
;
_entity_poly.pdbx_strand_id   A,B
#
loop_
_chem_comp.id
_chem_comp.type
_chem_comp.name
_chem_comp.formula
A2G D-saccharide, alpha linking 2-acetamido-2-deoxy-alpha-D-galactopyranose 'C8 H15 N O6'
ACE non-polymer 'ACETYL GROUP' 'C2 H4 O'
GAL D-saccharide, beta linking beta-D-galactopyranose 'C6 H12 O6'
#
# COMPACT_ATOMS: atom_id res chain seq x y z
C ACE A 1 -11.59 -15.33 14.60
O ACE A 1 -12.74 -14.97 14.35
CH3 ACE A 1 -11.31 -16.50 15.52
N THR A 2 -10.53 -14.73 14.08
CA THR A 2 -10.62 -13.58 13.20
C THR A 2 -11.18 -13.97 11.83
N TYR A 3 -11.77 -12.99 11.17
CA TYR A 3 -12.15 -13.13 9.77
C TYR A 3 -11.47 -12.04 9.00
N SER A 4 -11.04 -12.32 7.78
CA SER A 4 -10.55 -11.26 6.90
C SER A 4 -11.26 -11.32 5.57
N ILE A 5 -11.40 -10.17 4.93
CA ILE A 5 -11.95 -10.10 3.58
C ILE A 5 -10.99 -9.25 2.75
N THR A 6 -10.40 -9.83 1.73
CA THR A 6 -9.47 -9.15 0.86
C THR A 6 -10.14 -8.81 -0.45
N LEU A 7 -10.07 -7.55 -0.84
CA LEU A 7 -10.72 -7.00 -2.03
C LEU A 7 -9.73 -6.56 -3.08
N ARG A 8 -10.05 -6.90 -4.33
CA ARG A 8 -9.33 -6.43 -5.50
C ARG A 8 -10.29 -5.59 -6.30
N VAL A 9 -9.89 -4.38 -6.66
CA VAL A 9 -10.76 -3.46 -7.38
C VAL A 9 -10.44 -3.44 -8.87
N PHE A 10 -11.42 -3.78 -9.67
CA PHE A 10 -11.32 -3.83 -11.13
C PHE A 10 -12.17 -2.70 -11.66
N GLN A 11 -11.64 -1.91 -12.56
CA GLN A 11 -12.41 -0.82 -13.18
C GLN A 11 -12.39 -1.06 -14.69
N ARG A 12 -13.55 -1.18 -15.30
CA ARG A 12 -13.64 -1.74 -16.65
C ARG A 12 -13.84 -0.73 -17.77
N ASN A 13 -14.44 0.40 -17.46
CA ASN A 13 -14.94 1.26 -18.53
C ASN A 13 -14.60 2.71 -18.24
N PRO A 14 -13.55 3.23 -18.90
CA PRO A 14 -13.15 4.62 -18.67
C PRO A 14 -14.27 5.64 -18.90
N GLY A 15 -15.29 5.30 -19.69
CA GLY A 15 -16.37 6.23 -19.92
C GLY A 15 -17.15 6.54 -18.66
N ARG A 16 -17.03 5.68 -17.66
CA ARG A 16 -17.72 5.91 -16.38
C ARG A 16 -16.89 6.73 -15.40
N GLY A 17 -15.70 7.14 -15.81
CA GLY A 17 -14.78 7.80 -14.89
C GLY A 17 -13.95 6.80 -14.12
N PHE A 18 -13.15 7.33 -13.21
CA PHE A 18 -12.19 6.53 -12.44
C PHE A 18 -12.43 6.76 -10.96
N PHE A 19 -12.60 5.67 -10.21
CA PHE A 19 -12.99 5.75 -8.79
C PHE A 19 -11.77 5.62 -7.89
N SER A 20 -11.81 6.33 -6.77
CA SER A 20 -10.80 6.20 -5.72
C SER A 20 -11.48 6.23 -4.37
N ILE A 21 -10.82 5.68 -3.38
CA ILE A 21 -11.38 5.58 -2.04
C ILE A 21 -11.36 6.95 -1.35
N VAL A 22 -12.47 7.32 -0.72
CA VAL A 22 -12.59 8.57 0.02
C VAL A 22 -12.92 8.36 1.50
N GLU A 23 -13.18 7.13 1.92
CA GLU A 23 -13.55 6.89 3.32
C GLU A 23 -13.51 5.38 3.53
N LYS A 24 -13.12 4.94 4.73
CA LYS A 24 -13.19 3.53 5.09
C LYS A 24 -13.63 3.43 6.54
N THR A 25 -14.70 2.70 6.82
CA THR A 25 -15.21 2.56 8.19
C THR A 25 -15.16 1.11 8.63
N VAL A 26 -15.15 0.92 9.95
CA VAL A 26 -15.31 -0.41 10.52
C VAL A 26 -16.33 -0.35 11.63
N PHE A 27 -17.31 -1.27 11.58
CA PHE A 27 -18.33 -1.32 12.62
C PHE A 27 -17.76 -1.96 13.90
N HIS A 28 -18.35 -1.61 15.05
CA HIS A 28 -17.75 -1.88 16.33
C HIS A 28 -18.06 -3.25 16.92
N TYR A 29 -18.98 -4.01 16.35
CA TYR A 29 -19.26 -5.37 16.85
C TYR A 29 -18.05 -6.27 16.64
N ALA A 30 -18.04 -7.42 17.33
CA ALA A 30 -17.03 -8.46 17.15
C ALA A 30 -15.61 -7.92 17.32
N ASN A 31 -15.44 -7.00 18.27
CA ASN A 31 -14.15 -6.40 18.57
C ASN A 31 -13.58 -5.60 17.42
N GLY A 32 -14.44 -5.07 16.57
CA GLY A 32 -14.01 -4.16 15.51
C GLY A 32 -13.12 -4.85 14.50
N GLY A 33 -12.15 -4.09 14.00
CA GLY A 33 -11.32 -4.54 12.88
C GLY A 33 -10.64 -3.37 12.23
N THR A 34 -9.80 -3.66 11.24
CA THR A 34 -8.94 -2.67 10.63
C THR A 34 -8.84 -2.90 9.13
N TRP A 35 -8.70 -1.82 8.38
CA TRP A 35 -8.40 -1.88 6.97
C TRP A 35 -6.90 -1.77 6.77
N SER A 36 -6.37 -2.51 5.80
CA SER A 36 -4.95 -2.39 5.44
C SER A 36 -4.84 -2.52 3.92
N GLU A 37 -3.68 -2.13 3.40
CA GLU A 37 -3.40 -2.16 1.98
C GLU A 37 -2.11 -2.91 1.72
N ALA A 38 -2.10 -3.77 0.71
CA ALA A 38 -0.88 -4.46 0.31
C ALA A 38 -0.96 -4.83 -1.16
N LYS A 39 0.08 -4.51 -1.93
CA LYS A 39 0.14 -4.91 -3.33
C LYS A 39 -1.12 -4.51 -4.08
N GLY A 40 -1.62 -3.33 -3.79
CA GLY A 40 -2.78 -2.79 -4.49
C GLY A 40 -4.13 -3.34 -4.09
N THR A 41 -4.14 -4.21 -3.09
CA THR A 41 -5.38 -4.81 -2.59
C THR A 41 -5.75 -4.18 -1.24
N HIS A 42 -6.96 -4.47 -0.78
CA HIS A 42 -7.47 -3.94 0.47
C HIS A 42 -7.98 -5.07 1.32
N THR A 43 -7.54 -5.15 2.58
CA THR A 43 -8.05 -6.18 3.46
C THR A 43 -8.71 -5.59 4.68
N LEU A 44 -9.90 -6.09 4.96
CA LEU A 44 -10.61 -5.79 6.22
C LEU A 44 -10.41 -6.99 7.14
N THR A 45 -9.75 -6.75 8.27
CA THR A 45 -9.50 -7.79 9.27
C THR A 45 -10.39 -7.51 10.46
N MET A 46 -11.21 -8.49 10.86
CA MET A 46 -12.21 -8.31 11.89
C MET A 46 -11.99 -9.28 13.03
N GLY A 47 -12.43 -8.91 14.22
CA GLY A 47 -12.20 -9.70 15.42
C GLY A 47 -13.02 -10.96 15.52
N GLY A 48 -14.01 -11.14 14.68
CA GLY A 48 -14.85 -12.34 14.70
C GLY A 48 -15.98 -12.17 13.72
N SER A 49 -16.93 -13.09 13.71
CA SER A 49 -18.13 -12.96 12.91
C SER A 49 -19.06 -11.94 13.55
N GLY A 50 -19.76 -11.16 12.72
CA GLY A 50 -20.81 -10.26 13.17
C GLY A 50 -20.52 -8.78 13.02
N THR A 51 -19.47 -8.44 12.26
CA THR A 51 -19.21 -7.04 11.96
C THR A 51 -18.92 -6.86 10.47
N SER A 52 -18.45 -5.68 10.12
CA SER A 52 -18.33 -5.30 8.71
C SER A 52 -17.54 -4.01 8.59
N GLY A 53 -17.28 -3.62 7.36
CA GLY A 53 -16.71 -2.31 7.08
C GLY A 53 -17.20 -1.83 5.73
N VAL A 54 -17.02 -0.53 5.49
CA VAL A 54 -17.50 0.10 4.27
C VAL A 54 -16.39 0.90 3.65
N LEU A 55 -16.19 0.74 2.35
CA LEU A 55 -15.39 1.64 1.53
C LEU A 55 -16.30 2.58 0.78
N ARG A 56 -16.09 3.89 0.89
CA ARG A 56 -16.77 4.83 0.01
C ARG A 56 -15.82 5.23 -1.09
N PHE A 57 -16.31 5.24 -2.33
CA PHE A 57 -15.54 5.64 -3.48
C PHE A 57 -16.14 6.89 -4.10
N MET A 58 -15.29 7.74 -4.65
CA MET A 58 -15.72 8.85 -5.48
C MET A 58 -15.07 8.73 -6.84
N SER A 59 -15.81 8.95 -7.91
CA SER A 59 -15.19 9.00 -9.23
C SER A 59 -14.73 10.40 -9.54
N ASP A 60 -13.83 10.50 -10.51
CA ASP A 60 -13.40 11.80 -11.02
C ASP A 60 -14.50 12.52 -11.80
N LYS A 61 -15.65 11.88 -11.95
CA LYS A 61 -16.85 12.54 -12.46
C LYS A 61 -17.83 12.88 -11.33
N GLY A 62 -17.40 12.72 -10.07
CA GLY A 62 -18.23 13.14 -8.95
C GLY A 62 -19.19 12.12 -8.36
N GLU A 63 -19.25 10.91 -8.89
CA GLU A 63 -20.18 9.89 -8.40
C GLU A 63 -19.70 9.33 -7.03
N LEU A 64 -20.63 9.12 -6.10
CA LEU A 64 -20.34 8.60 -4.76
C LEU A 64 -21.08 7.31 -4.52
N ILE A 65 -20.34 6.28 -4.12
CA ILE A 65 -20.92 4.96 -3.89
C ILE A 65 -20.21 4.28 -2.74
N THR A 66 -20.92 3.39 -2.04
CA THR A 66 -20.30 2.61 -0.98
C THR A 66 -20.36 1.12 -1.26
N VAL A 67 -19.33 0.42 -0.83
CA VAL A 67 -19.24 -1.04 -0.85
C VAL A 67 -19.12 -1.51 0.59
N ALA A 68 -20.05 -2.34 1.02
CA ALA A 68 -20.02 -2.93 2.37
C ALA A 68 -19.70 -4.41 2.26
N VAL A 69 -18.79 -4.88 3.11
CA VAL A 69 -18.50 -6.32 3.21
C VAL A 69 -18.39 -6.68 4.69
N GLY A 70 -18.80 -7.89 5.02
CA GLY A 70 -18.69 -8.35 6.42
C GLY A 70 -19.04 -9.82 6.53
N VAL A 71 -19.18 -10.28 7.77
CA VAL A 71 -19.50 -11.68 8.05
C VAL A 71 -20.66 -11.66 9.03
N HIS A 72 -21.70 -12.40 8.67
CA HIS A 72 -22.93 -12.47 9.46
C HIS A 72 -23.22 -13.93 9.74
N ASN A 73 -23.23 -14.30 11.02
CA ASN A 73 -23.44 -15.69 11.40
C ASN A 73 -22.56 -16.64 10.60
N TYR A 74 -21.29 -16.27 10.51
CA TYR A 74 -20.23 -17.13 9.95
C TYR A 74 -20.27 -17.23 8.44
N LYS A 75 -21.09 -16.42 7.78
CA LYS A 75 -21.11 -16.36 6.31
C LYS A 75 -20.90 -14.97 5.78
N ARG A 76 -20.20 -14.87 4.66
CA ARG A 76 -19.93 -13.54 4.12
C ARG A 76 -21.19 -12.83 3.65
N TRP A 77 -21.14 -11.50 3.68
CA TRP A 77 -22.18 -10.71 3.05
C TRP A 77 -21.59 -9.51 2.34
N CYS A 78 -22.39 -8.89 1.48
CA CYS A 78 -21.99 -7.67 0.79
C CYS A 78 -23.18 -6.82 0.42
N ASP A 79 -22.89 -5.57 0.07
CA ASP A 79 -23.90 -4.66 -0.43
C ASP A 79 -23.19 -3.53 -1.16
N VAL A 80 -23.90 -2.86 -2.07
CA VAL A 80 -23.38 -1.66 -2.72
C VAL A 80 -24.52 -0.65 -2.72
N VAL A 81 -24.23 0.58 -2.32
CA VAL A 81 -25.24 1.65 -2.33
C VAL A 81 -24.75 2.72 -3.29
N THR A 82 -25.60 3.15 -4.20
CA THR A 82 -25.21 4.13 -5.20
C THR A 82 -26.05 5.39 -5.09
N GLY A 83 -25.72 6.41 -5.88
CA GLY A 83 -26.53 7.63 -5.89
C GLY A 83 -26.43 8.44 -4.62
N LEU A 84 -25.32 8.32 -3.91
CA LEU A 84 -25.21 8.96 -2.59
C LEU A 84 -25.07 10.47 -2.68
N LYS A 85 -25.69 11.15 -1.73
CA LYS A 85 -25.46 12.58 -1.55
C LYS A 85 -24.16 12.80 -0.78
N PRO A 86 -23.56 13.99 -0.86
CA PRO A 86 -22.30 14.21 -0.14
C PRO A 86 -22.40 13.99 1.38
N GLU A 87 -23.55 14.29 1.97
CA GLU A 87 -23.69 14.10 3.40
C GLU A 87 -23.89 12.64 3.80
N GLU A 88 -24.15 11.75 2.84
CA GLU A 88 -24.35 10.34 3.16
C GLU A 88 -23.01 9.62 3.15
N THR A 89 -22.23 9.90 4.18
CA THR A 89 -20.89 9.38 4.27
C THR A 89 -20.93 7.90 4.68
N ALA A 90 -19.80 7.22 4.56
CA ALA A 90 -19.75 5.84 5.02
C ALA A 90 -20.05 5.74 6.51
N LEU A 91 -19.70 6.78 7.26
CA LEU A 91 -20.00 6.84 8.68
C LEU A 91 -21.51 6.81 8.92
N VAL A 92 -22.29 7.34 7.98
CA VAL A 92 -23.76 7.27 8.06
C VAL A 92 -24.23 5.87 7.61
N ILE A 93 -23.64 5.37 6.53
CA ILE A 93 -24.10 4.13 5.90
C ILE A 93 -23.81 2.86 6.72
N ASN A 94 -22.60 2.73 7.26
CA ASN A 94 -22.22 1.46 7.89
C ASN A 94 -23.18 1.06 9.03
N PRO A 95 -23.58 2.02 9.89
CA PRO A 95 -24.50 1.61 10.98
C PRO A 95 -25.91 1.24 10.52
N GLN A 96 -26.29 1.62 9.32
CA GLN A 96 -27.63 1.33 8.81
C GLN A 96 -27.87 -0.16 8.59
N TYR A 97 -26.80 -0.97 8.65
CA TYR A 97 -26.92 -2.43 8.54
C TYR A 97 -27.25 -3.09 9.86
N TYR A 98 -27.28 -2.32 10.96
CA TYR A 98 -27.41 -2.86 12.31
C TYR A 98 -28.49 -2.13 13.08
N ASN A 99 -28.76 -2.62 14.28
CA ASN A 99 -29.75 -2.02 15.18
C ASN A 99 -31.09 -1.81 14.51
N ASN A 100 -31.49 -2.79 13.71
CA ASN A 100 -32.77 -2.72 12.98
C ASN A 100 -32.84 -1.58 11.97
N GLY A 101 -31.68 -1.16 11.47
CA GLY A 101 -31.62 -0.09 10.49
C GLY A 101 -32.14 -0.56 9.13
N PRO A 102 -32.24 0.38 8.19
CA PRO A 102 -32.95 0.08 6.96
C PRO A 102 -32.23 -0.84 5.99
N ARG A 103 -30.95 -1.14 6.23
CA ARG A 103 -30.20 -2.03 5.33
C ARG A 103 -29.92 -3.38 5.97
N ALA A 104 -30.42 -3.61 7.18
CA ALA A 104 -30.15 -4.86 7.90
C ALA A 104 -30.53 -6.09 7.06
N TYR A 105 -31.66 -6.00 6.38
CA TYR A 105 -32.14 -7.13 5.59
C TYR A 105 -31.10 -7.56 4.56
N THR A 106 -30.33 -6.61 4.04
CA THR A 106 -29.35 -6.95 3.03
C THR A 106 -28.18 -7.72 3.61
N ARG A 107 -27.72 -7.33 4.80
CA ARG A 107 -26.70 -8.09 5.50
C ARG A 107 -27.19 -9.51 5.76
N GLU A 108 -28.45 -9.64 6.18
CA GLU A 108 -29.02 -10.93 6.55
C GLU A 108 -29.10 -11.90 5.38
N LYS A 109 -29.12 -11.40 4.16
CA LYS A 109 -29.08 -12.26 2.97
C LYS A 109 -27.78 -13.03 2.80
N GLN A 110 -26.68 -12.58 3.42
CA GLN A 110 -25.41 -13.30 3.33
C GLN A 110 -25.04 -13.59 1.88
N LEU A 111 -25.08 -12.56 1.05
CA LEU A 111 -24.81 -12.76 -0.38
C LEU A 111 -23.34 -12.94 -0.70
N ALA A 112 -23.09 -13.87 -1.60
CA ALA A 112 -21.74 -14.08 -2.17
C ALA A 112 -21.50 -13.25 -3.42
N GLU A 113 -22.55 -12.64 -3.94
CA GLU A 113 -22.42 -11.71 -5.07
C GLU A 113 -23.59 -10.76 -5.10
N TYR A 114 -23.38 -9.57 -5.65
CA TYR A 114 -24.42 -8.58 -5.76
C TYR A 114 -24.06 -7.64 -6.89
N ASN A 115 -25.05 -7.16 -7.63
CA ASN A 115 -24.86 -6.29 -8.79
C ASN A 115 -25.85 -5.15 -8.75
N VAL A 116 -25.41 -3.94 -9.01
CA VAL A 116 -26.31 -2.80 -9.06
C VAL A 116 -25.83 -1.84 -10.13
N THR A 117 -26.73 -1.13 -10.81
CA THR A 117 -26.35 -0.05 -11.73
C THR A 117 -26.88 1.23 -11.13
N SER A 118 -26.02 2.24 -11.00
CA SER A 118 -26.44 3.53 -10.45
C SER A 118 -27.34 4.26 -11.43
N VAL A 119 -28.08 5.24 -10.92
CA VAL A 119 -29.02 5.97 -11.75
C VAL A 119 -28.29 6.70 -12.89
N VAL A 120 -27.02 7.03 -12.68
CA VAL A 120 -26.27 7.69 -13.74
C VAL A 120 -25.65 6.70 -14.71
N GLY A 121 -25.83 5.40 -14.45
CA GLY A 121 -25.46 4.36 -15.42
C GLY A 121 -24.20 3.55 -15.17
N THR A 122 -23.67 3.60 -13.96
CA THR A 122 -22.44 2.86 -13.63
C THR A 122 -22.76 1.52 -12.99
N ARG A 123 -22.26 0.44 -13.58
CA ARG A 123 -22.44 -0.88 -13.01
C ARG A 123 -21.44 -1.10 -11.87
N PHE A 124 -21.88 -1.78 -10.81
CA PHE A 124 -21.00 -2.17 -9.73
C PHE A 124 -21.33 -3.60 -9.37
N GLU A 125 -20.30 -4.42 -9.15
CA GLU A 125 -20.49 -5.79 -8.74
C GLU A 125 -19.54 -6.13 -7.63
N VAL A 126 -20.01 -6.86 -6.62
CA VAL A 126 -19.10 -7.52 -5.69
C VAL A 126 -19.28 -9.01 -5.92
N LYS A 127 -18.19 -9.72 -6.12
CA LYS A 127 -18.23 -11.16 -6.36
C LYS A 127 -17.16 -11.83 -5.50
N TYR A 128 -17.59 -12.60 -4.50
CA TYR A 128 -16.64 -13.35 -3.70
C TYR A 128 -16.06 -14.52 -4.52
N THR A 129 -14.74 -14.65 -4.49
CA THR A 129 -14.02 -15.69 -5.19
C THR A 129 -13.59 -16.79 -4.23
N VAL A 130 -13.44 -16.45 -2.95
CA VAL A 130 -13.34 -17.43 -1.86
C VAL A 130 -14.50 -17.12 -0.93
N VAL A 131 -15.44 -18.06 -0.85
CA VAL A 131 -16.78 -17.82 -0.29
C VAL A 131 -17.02 -18.50 1.06
N GLU A 132 -16.03 -19.25 1.52
CA GLU A 132 -16.14 -19.99 2.78
C GLU A 132 -14.85 -19.86 3.56
N GLY A 133 -14.94 -20.11 4.86
CA GLY A 133 -13.76 -20.03 5.73
C GLY A 133 -13.50 -18.64 6.28
N ASN A 134 -12.33 -18.46 6.89
CA ASN A 134 -12.06 -17.22 7.60
C ASN A 134 -11.21 -16.23 6.83
N ASN A 135 -10.73 -16.61 5.65
CA ASN A 135 -9.90 -15.74 4.83
C ASN A 135 -10.55 -15.59 3.50
N LEU A 136 -11.54 -14.71 3.47
CA LEU A 136 -12.42 -14.51 2.31
C LEU A 136 -11.82 -13.56 1.30
N GLU A 137 -12.24 -13.70 0.04
CA GLU A 137 -11.67 -12.90 -1.06
C GLU A 137 -12.80 -12.50 -1.98
N ALA A 138 -12.78 -11.25 -2.45
CA ALA A 138 -13.79 -10.79 -3.39
C ALA A 138 -13.19 -9.80 -4.37
N ASN A 139 -13.77 -9.82 -5.57
CA ASN A 139 -13.49 -8.81 -6.58
C ASN A 139 -14.59 -7.76 -6.53
N VAL A 140 -14.20 -6.50 -6.63
CA VAL A 140 -15.13 -5.38 -6.70
C VAL A 140 -14.94 -4.78 -8.08
N ILE A 141 -15.98 -4.81 -8.89
CA ILE A 141 -15.86 -4.49 -10.31
C ILE A 141 -16.73 -3.29 -10.64
N PHE A 142 -16.11 -2.26 -11.20
CA PHE A 142 -16.79 -1.03 -11.60
C PHE A 142 -16.90 -1.02 -13.12
N SER A 143 -18.08 -0.68 -13.64
CA SER A 143 -18.29 -0.58 -15.08
C SER A 143 -19.54 0.25 -15.33
C ACE B 1 17.50 -16.75 -2.13
O ACE B 1 18.44 -15.97 -2.33
CH3 ACE B 1 17.81 -18.23 -1.84
N THR B 2 16.23 -16.39 -2.23
CA THR B 2 15.88 -14.97 -2.42
C THR B 2 16.22 -14.16 -1.18
N TYR B 3 16.37 -12.86 -1.35
CA TYR B 3 16.56 -11.93 -0.23
C TYR B 3 15.48 -10.88 -0.29
N SER B 4 15.00 -10.42 0.85
CA SER B 4 14.14 -9.26 0.88
C SER B 4 14.68 -8.24 1.87
N ILE B 5 14.39 -6.97 1.57
CA ILE B 5 14.71 -5.87 2.46
C ILE B 5 13.46 -5.04 2.64
N THR B 6 12.98 -4.94 3.89
CA THR B 6 11.78 -4.18 4.17
C THR B 6 12.15 -2.89 4.89
N LEU B 7 11.66 -1.77 4.37
CA LEU B 7 12.00 -0.44 4.85
C LEU B 7 10.80 0.25 5.47
N ARG B 8 11.02 0.88 6.62
CA ARG B 8 10.07 1.78 7.26
C ARG B 8 10.67 3.17 7.20
N VAL B 9 9.94 4.13 6.65
CA VAL B 9 10.43 5.50 6.51
C VAL B 9 9.90 6.40 7.61
N PHE B 10 10.83 6.92 8.40
CA PHE B 10 10.53 7.83 9.52
C PHE B 10 10.95 9.23 9.18
N GLN B 11 10.02 10.15 9.03
CA GLN B 11 10.37 11.57 8.80
C GLN B 11 10.19 12.31 10.11
N ARG B 12 11.27 12.87 10.64
CA ARG B 12 11.29 13.35 12.01
C ARG B 12 11.03 14.83 12.17
N ASN B 13 11.42 15.61 11.16
CA ASN B 13 11.62 17.05 11.35
C ASN B 13 10.93 17.86 10.27
N PRO B 14 9.75 18.41 10.58
CA PRO B 14 9.00 19.20 9.59
C PRO B 14 9.80 20.37 9.02
N GLY B 15 10.83 20.82 9.73
CA GLY B 15 11.65 21.91 9.22
C GLY B 15 12.38 21.56 7.94
N ARG B 16 12.55 20.27 7.66
CA ARG B 16 13.21 19.85 6.41
C ARG B 16 12.24 19.70 5.26
N GLY B 17 10.98 20.02 5.50
CA GLY B 17 9.97 19.69 4.51
C GLY B 17 9.56 18.24 4.62
N PHE B 18 8.80 17.80 3.63
CA PHE B 18 8.20 16.48 3.65
C PHE B 18 8.50 15.76 2.35
N PHE B 19 9.01 14.54 2.46
CA PHE B 19 9.47 13.76 1.30
C PHE B 19 8.45 12.75 0.83
N SER B 20 8.45 12.51 -0.47
CA SER B 20 7.66 11.41 -1.06
C SER B 20 8.50 10.74 -2.13
N ILE B 21 8.17 9.51 -2.45
CA ILE B 21 8.90 8.74 -3.45
C ILE B 21 8.58 9.23 -4.85
N VAL B 22 9.62 9.37 -5.67
CA VAL B 22 9.42 9.79 -7.05
C VAL B 22 9.94 8.77 -8.07
N GLU B 23 10.60 7.70 -7.61
CA GLU B 23 11.18 6.72 -8.52
C GLU B 23 11.59 5.51 -7.70
N LYS B 24 11.53 4.32 -8.30
CA LYS B 24 12.02 3.10 -7.65
C LYS B 24 12.60 2.21 -8.72
N THR B 25 13.88 1.86 -8.62
CA THR B 25 14.55 1.03 -9.63
C THR B 25 14.99 -0.30 -9.01
N VAL B 26 15.21 -1.29 -9.87
CA VAL B 26 15.81 -2.56 -9.45
C VAL B 26 16.88 -2.95 -10.44
N PHE B 27 18.08 -3.24 -9.94
CA PHE B 27 19.17 -3.64 -10.79
C PHE B 27 19.00 -5.10 -11.26
N HIS B 28 19.57 -5.41 -12.42
CA HIS B 28 19.21 -6.63 -13.12
C HIS B 28 19.98 -7.89 -12.72
N TYR B 29 21.01 -7.77 -11.90
CA TYR B 29 21.72 -8.97 -11.42
C TYR B 29 20.82 -9.81 -10.52
N ALA B 30 21.26 -11.06 -10.27
CA ALA B 30 20.58 -11.97 -9.34
C ALA B 30 19.12 -12.20 -9.71
N ASN B 31 18.85 -12.26 -11.03
CA ASN B 31 17.50 -12.42 -11.54
C ASN B 31 16.56 -11.27 -11.18
N GLY B 32 17.10 -10.08 -10.93
CA GLY B 32 16.26 -8.91 -10.69
C GLY B 32 15.51 -8.98 -9.36
N GLY B 33 14.34 -8.37 -9.35
CA GLY B 33 13.59 -8.21 -8.10
C GLY B 33 12.52 -7.17 -8.30
N THR B 34 11.72 -6.96 -7.25
CA THR B 34 10.51 -6.15 -7.34
C THR B 34 10.29 -5.40 -6.05
N TRP B 35 9.80 -4.17 -6.18
CA TRP B 35 9.32 -3.41 -5.02
C TRP B 35 7.84 -3.64 -4.80
N SER B 36 7.45 -3.68 -3.54
CA SER B 36 6.04 -3.78 -3.16
C SER B 36 5.80 -2.90 -1.94
N GLU B 37 4.53 -2.66 -1.66
CA GLU B 37 4.13 -1.82 -0.53
C GLU B 37 3.07 -2.54 0.27
N ALA B 38 3.18 -2.48 1.58
CA ALA B 38 2.17 -3.04 2.49
C ALA B 38 2.20 -2.26 3.79
N LYS B 39 1.03 -1.84 4.28
CA LYS B 39 0.93 -1.20 5.60
C LYS B 39 1.94 -0.07 5.77
N GLY B 40 2.10 0.71 4.71
CA GLY B 40 2.96 1.89 4.77
C GLY B 40 4.44 1.62 4.65
N THR B 41 4.83 0.36 4.45
CA THR B 41 6.24 -0.02 4.34
C THR B 41 6.57 -0.38 2.91
N HIS B 42 7.86 -0.56 2.64
CA HIS B 42 8.34 -0.87 1.29
C HIS B 42 9.24 -2.06 1.34
N THR B 43 9.00 -3.06 0.48
CA THR B 43 9.85 -4.23 0.45
C THR B 43 10.46 -4.41 -0.94
N LEU B 44 11.79 -4.56 -0.99
CA LEU B 44 12.47 -4.98 -2.19
C LEU B 44 12.73 -6.48 -2.08
N THR B 45 12.18 -7.25 -3.00
CA THR B 45 12.41 -8.69 -3.05
C THR B 45 13.33 -8.96 -4.23
N MET B 46 14.42 -9.70 -3.99
CA MET B 46 15.45 -9.93 -5.01
C MET B 46 15.70 -11.42 -5.19
N GLY B 47 16.13 -11.81 -6.38
CA GLY B 47 16.22 -13.22 -6.72
C GLY B 47 17.42 -13.93 -6.13
N GLY B 48 18.31 -13.22 -5.44
CA GLY B 48 19.48 -13.82 -4.81
C GLY B 48 20.37 -12.71 -4.28
N SER B 49 21.52 -13.06 -3.74
CA SER B 49 22.54 -12.08 -3.38
C SER B 49 23.16 -11.50 -4.65
N GLY B 50 23.47 -10.21 -4.59
CA GLY B 50 24.27 -9.55 -5.64
C GLY B 50 23.55 -8.50 -6.44
N THR B 51 22.37 -8.07 -5.99
CA THR B 51 21.67 -6.97 -6.65
C THR B 51 21.18 -5.97 -5.62
N SER B 52 20.33 -5.04 -6.07
CA SER B 52 19.94 -3.91 -5.24
C SER B 52 18.80 -3.16 -5.91
N GLY B 53 18.27 -2.17 -5.21
CA GLY B 53 17.31 -1.24 -5.77
C GLY B 53 17.49 0.12 -5.12
N VAL B 54 16.90 1.12 -5.73
CA VAL B 54 17.03 2.50 -5.28
C VAL B 54 15.66 3.14 -5.21
N LEU B 55 15.39 3.83 -4.11
CA LEU B 55 14.27 4.74 -4.00
C LEU B 55 14.77 6.16 -4.11
N ARG B 56 14.19 6.94 -5.01
CA ARG B 56 14.45 8.37 -5.02
C ARG B 56 13.30 9.09 -4.35
N PHE B 57 13.63 10.08 -3.53
CA PHE B 57 12.66 10.88 -2.80
C PHE B 57 12.81 12.32 -3.22
N MET B 58 11.71 13.05 -3.24
CA MET B 58 11.73 14.48 -3.39
C MET B 58 11.00 15.13 -2.23
N SER B 59 11.55 16.21 -1.66
CA SER B 59 10.80 16.92 -0.63
C SER B 59 9.95 18.00 -1.26
N ASP B 60 8.97 18.46 -0.50
CA ASP B 60 8.12 19.56 -0.94
C ASP B 60 8.87 20.90 -0.89
N LYS B 61 10.16 20.86 -0.56
CA LYS B 61 11.08 22.01 -0.71
C LYS B 61 12.04 21.79 -1.89
N GLY B 62 11.85 20.70 -2.64
CA GLY B 62 12.61 20.50 -3.88
C GLY B 62 13.85 19.63 -3.77
N GLU B 63 14.15 19.17 -2.56
CA GLU B 63 15.38 18.38 -2.33
C GLU B 63 15.23 16.99 -2.94
N LEU B 64 16.27 16.52 -3.63
CA LEU B 64 16.29 15.19 -4.29
C LEU B 64 17.40 14.33 -3.69
N ILE B 65 17.03 13.15 -3.22
CA ILE B 65 17.99 12.21 -2.61
C ILE B 65 17.63 10.78 -2.98
N THR B 66 18.63 9.91 -3.00
CA THR B 66 18.36 8.49 -3.22
C THR B 66 18.81 7.65 -2.05
N VAL B 67 18.07 6.58 -1.82
CA VAL B 67 18.43 5.54 -0.86
C VAL B 67 18.59 4.22 -1.63
N ALA B 68 19.78 3.63 -1.53
CA ALA B 68 20.08 2.34 -2.17
C ALA B 68 20.19 1.27 -1.10
N VAL B 69 19.58 0.11 -1.34
CA VAL B 69 19.71 -1.04 -0.45
C VAL B 69 19.90 -2.29 -1.32
N GLY B 70 20.70 -3.22 -0.84
CA GLY B 70 20.87 -4.47 -1.56
C GLY B 70 21.66 -5.46 -0.76
N VAL B 71 22.08 -6.54 -1.41
CA VAL B 71 22.85 -7.57 -0.75
C VAL B 71 24.08 -7.85 -1.62
N HIS B 72 25.25 -7.78 -0.99
CA HIS B 72 26.52 -7.98 -1.67
C HIS B 72 27.27 -9.09 -0.96
N ASN B 73 27.58 -10.16 -1.68
CA ASN B 73 28.25 -11.31 -1.05
C ASN B 73 27.60 -11.71 0.26
N TYR B 74 26.28 -11.80 0.22
CA TYR B 74 25.48 -12.36 1.31
C TYR B 74 25.34 -11.45 2.51
N LYS B 75 25.81 -10.21 2.40
CA LYS B 75 25.66 -9.22 3.47
C LYS B 75 24.94 -7.98 2.95
N ARG B 76 24.10 -7.40 3.78
CA ARG B 76 23.35 -6.20 3.38
C ARG B 76 24.30 -5.04 3.12
N TRP B 77 23.84 -4.15 2.25
CA TRP B 77 24.52 -2.88 2.06
C TRP B 77 23.49 -1.76 1.90
N CYS B 78 23.98 -0.54 2.05
CA CYS B 78 23.13 0.62 1.84
C CYS B 78 23.95 1.84 1.48
N ASP B 79 23.29 2.85 0.95
CA ASP B 79 23.92 4.13 0.64
C ASP B 79 22.82 5.16 0.57
N VAL B 80 23.20 6.42 0.82
CA VAL B 80 22.28 7.54 0.61
C VAL B 80 23.08 8.58 -0.16
N VAL B 81 22.53 9.02 -1.27
CA VAL B 81 23.17 10.06 -2.07
C VAL B 81 22.32 11.31 -1.97
N THR B 82 22.94 12.42 -1.59
CA THR B 82 22.17 13.66 -1.45
C THR B 82 22.63 14.71 -2.45
N GLY B 83 21.96 15.85 -2.47
CA GLY B 83 22.39 16.96 -3.33
C GLY B 83 22.23 16.67 -4.81
N LEU B 84 21.28 15.79 -5.15
CA LEU B 84 21.10 15.37 -6.56
C LEU B 84 20.48 16.48 -7.41
N LYS B 85 20.96 16.54 -8.65
CA LYS B 85 20.33 17.38 -9.66
C LYS B 85 19.13 16.65 -10.27
N PRO B 86 18.19 17.40 -10.87
CA PRO B 86 17.04 16.73 -11.48
C PRO B 86 17.41 15.66 -12.53
N GLU B 87 18.52 15.84 -13.26
CA GLU B 87 18.87 14.87 -14.28
C GLU B 87 19.47 13.59 -13.70
N GLU B 88 19.81 13.61 -12.42
CA GLU B 88 20.42 12.43 -11.78
C GLU B 88 19.33 11.57 -11.20
N THR B 89 18.63 10.88 -12.09
CA THR B 89 17.49 10.04 -11.67
C THR B 89 18.01 8.76 -11.02
N ALA B 90 17.14 8.01 -10.36
CA ALA B 90 17.56 6.72 -9.82
C ALA B 90 18.03 5.77 -10.92
N LEU B 91 17.46 5.89 -12.11
CA LEU B 91 17.91 5.10 -13.25
C LEU B 91 19.40 5.40 -13.56
N VAL B 92 19.85 6.63 -13.34
CA VAL B 92 21.28 6.96 -13.47
C VAL B 92 22.09 6.41 -12.29
N ILE B 93 21.57 6.56 -11.08
CA ILE B 93 22.32 6.22 -9.89
C ILE B 93 22.50 4.71 -9.66
N ASN B 94 21.45 3.92 -9.84
CA ASN B 94 21.53 2.49 -9.45
C ASN B 94 22.68 1.76 -10.16
N PRO B 95 22.89 2.00 -11.47
CA PRO B 95 24.01 1.29 -12.13
C PRO B 95 25.39 1.75 -11.68
N GLN B 96 25.49 2.90 -11.02
CA GLN B 96 26.80 3.42 -10.63
C GLN B 96 27.46 2.58 -9.54
N TYR B 97 26.71 1.67 -8.93
CA TYR B 97 27.25 0.74 -7.93
C TYR B 97 27.88 -0.49 -8.55
N TYR B 98 27.79 -0.64 -9.87
CA TYR B 98 28.25 -1.86 -10.56
C TYR B 98 29.12 -1.52 -11.75
N ASN B 99 29.68 -2.57 -12.36
CA ASN B 99 30.52 -2.41 -13.55
C ASN B 99 31.66 -1.43 -13.30
N ASN B 100 32.26 -1.49 -12.12
CA ASN B 100 33.37 -0.60 -11.79
C ASN B 100 32.97 0.88 -11.77
N GLY B 101 31.69 1.14 -11.53
CA GLY B 101 31.21 2.53 -11.47
C GLY B 101 31.68 3.23 -10.20
N PRO B 102 31.38 4.52 -10.09
CA PRO B 102 32.03 5.33 -9.06
C PRO B 102 31.51 5.09 -7.65
N ARG B 103 30.42 4.34 -7.51
CA ARG B 103 29.89 4.06 -6.18
C ARG B 103 30.07 2.61 -5.76
N ALA B 104 30.76 1.82 -6.58
CA ALA B 104 30.93 0.40 -6.27
C ALA B 104 31.57 0.21 -4.89
N TYR B 105 32.55 1.06 -4.54
CA TYR B 105 33.22 0.93 -3.25
C TYR B 105 32.22 1.03 -2.07
N THR B 106 31.17 1.81 -2.24
CA THR B 106 30.19 1.99 -1.17
C THR B 106 29.37 0.72 -0.97
N ARG B 107 28.99 0.06 -2.08
CA ARG B 107 28.33 -1.24 -1.98
C ARG B 107 29.24 -2.25 -1.27
N GLU B 108 30.52 -2.21 -1.63
CA GLU B 108 31.50 -3.18 -1.13
C GLU B 108 31.71 -3.06 0.37
N LYS B 109 31.43 -1.89 0.95
CA LYS B 109 31.50 -1.72 2.41
C LYS B 109 30.50 -2.60 3.18
N GLN B 110 29.40 -3.00 2.55
CA GLN B 110 28.40 -3.85 3.22
C GLN B 110 27.94 -3.23 4.53
N LEU B 111 27.55 -1.96 4.49
CA LEU B 111 27.18 -1.27 5.70
C LEU B 111 25.81 -1.68 6.23
N ALA B 112 25.74 -1.89 7.53
CA ALA B 112 24.49 -2.10 8.23
C ALA B 112 23.88 -0.79 8.73
N GLU B 113 24.62 0.31 8.68
CA GLU B 113 24.09 1.63 9.03
C GLU B 113 24.91 2.66 8.25
N TYR B 114 24.27 3.78 7.91
CA TYR B 114 24.94 4.87 7.22
C TYR B 114 24.22 6.16 7.56
N ASN B 115 25.01 7.20 7.84
CA ASN B 115 24.51 8.51 8.21
C ASN B 115 25.16 9.60 7.38
N VAL B 116 24.36 10.48 6.81
CA VAL B 116 24.86 11.58 5.99
C VAL B 116 23.95 12.78 6.12
N THR B 117 24.50 13.98 6.14
CA THR B 117 23.70 15.20 6.16
C THR B 117 23.92 15.95 4.86
N SER B 118 22.83 16.41 4.27
CA SER B 118 22.91 17.04 2.96
C SER B 118 23.30 18.51 3.03
N VAL B 119 23.58 19.05 1.84
CA VAL B 119 23.92 20.44 1.64
C VAL B 119 22.86 21.38 2.17
N VAL B 120 21.59 20.96 2.14
CA VAL B 120 20.55 21.84 2.68
C VAL B 120 20.20 21.55 4.14
N GLY B 121 20.95 20.64 4.75
CA GLY B 121 20.85 20.41 6.20
C GLY B 121 20.03 19.22 6.64
N THR B 122 19.52 18.43 5.68
CA THR B 122 18.70 17.28 6.01
C THR B 122 19.57 16.12 6.42
N ARG B 123 19.27 15.54 7.57
CA ARG B 123 20.01 14.39 8.06
C ARG B 123 19.31 13.17 7.50
N PHE B 124 20.08 12.18 7.11
CA PHE B 124 19.57 10.91 6.60
C PHE B 124 20.30 9.80 7.31
N GLU B 125 19.56 8.78 7.72
CA GLU B 125 20.14 7.57 8.31
C GLU B 125 19.43 6.36 7.71
N VAL B 126 20.19 5.35 7.31
CA VAL B 126 19.66 4.01 7.10
C VAL B 126 20.24 3.16 8.21
N LYS B 127 19.38 2.47 8.94
CA LYS B 127 19.87 1.59 9.97
C LYS B 127 19.13 0.27 9.90
N TYR B 128 19.86 -0.79 9.59
CA TYR B 128 19.25 -2.12 9.57
C TYR B 128 18.94 -2.57 11.00
N THR B 129 17.73 -3.05 11.21
CA THR B 129 17.27 -3.57 12.49
C THR B 129 17.33 -5.09 12.53
N VAL B 130 17.20 -5.72 11.37
CA VAL B 130 17.56 -7.13 11.19
C VAL B 130 18.68 -7.11 10.16
N VAL B 131 19.88 -7.50 10.60
CA VAL B 131 21.13 -7.23 9.88
C VAL B 131 21.72 -8.47 9.25
N GLU B 132 21.14 -9.65 9.49
CA GLU B 132 21.69 -10.89 8.97
C GLU B 132 20.54 -11.75 8.46
N GLY B 133 20.87 -12.74 7.63
CA GLY B 133 19.85 -13.60 7.04
C GLY B 133 19.21 -13.07 5.78
N ASN B 134 18.15 -13.72 5.34
CA ASN B 134 17.51 -13.43 4.05
C ASN B 134 16.33 -12.48 4.13
N ASN B 135 15.86 -12.21 5.35
CA ASN B 135 14.71 -11.35 5.55
C ASN B 135 15.15 -10.13 6.34
N LEU B 136 15.74 -9.19 5.63
CA LEU B 136 16.36 -8.03 6.23
C LEU B 136 15.37 -6.90 6.45
N GLU B 137 15.65 -6.09 7.47
CA GLU B 137 14.76 -4.98 7.84
C GLU B 137 15.58 -3.75 8.14
N ALA B 138 15.12 -2.58 7.71
CA ALA B 138 15.83 -1.35 8.01
C ALA B 138 14.88 -0.20 8.18
N ASN B 139 15.31 0.73 9.01
CA ASN B 139 14.63 2.02 9.16
C ASN B 139 15.38 3.06 8.35
N VAL B 140 14.62 3.88 7.62
CA VAL B 140 15.19 4.98 6.87
C VAL B 140 14.66 6.24 7.57
N ILE B 141 15.55 7.06 8.11
CA ILE B 141 15.15 8.19 8.94
C ILE B 141 15.61 9.48 8.30
N PHE B 142 14.69 10.42 8.10
CA PHE B 142 14.99 11.77 7.60
C PHE B 142 14.84 12.71 8.78
N SER B 143 15.87 13.47 9.10
CA SER B 143 15.79 14.29 10.30
C SER B 143 16.41 15.66 10.15
O5 A2G C . -26.00 -10.54 13.83
C1 A2G C . -25.44 -11.76 14.29
O1 A2G C . -26.22 -12.26 15.38
C2 A2G C . -23.98 -11.56 14.74
N2 A2G C . -23.37 -12.80 15.27
C3 A2G C . -23.86 -10.43 15.76
O3 A2G C . -22.48 -10.22 16.04
C4 A2G C . -24.53 -9.15 15.23
O4 A2G C . -23.82 -8.68 14.08
C5 A2G C . -25.97 -9.48 14.81
C6 A2G C . -26.63 -8.23 14.20
O6 A2G C . -28.04 -8.43 14.04
C7 A2G C . -22.50 -13.53 14.57
O7 A2G C . -22.15 -13.25 13.42
C8 A2G C . -21.94 -14.77 15.28
C1 GAL C . -22.22 -10.15 17.43
C2 GAL C . -20.71 -10.19 17.61
C3 GAL C . -20.37 -9.98 19.08
C4 GAL C . -21.02 -8.73 19.61
C5 GAL C . -22.52 -8.71 19.24
C6 GAL C . -23.20 -7.41 19.65
O2 GAL C . -20.22 -11.45 17.19
O3 GAL C . -18.96 -9.95 19.29
O4 GAL C . -20.39 -7.59 19.04
O5 GAL C . -22.70 -8.89 17.84
O6 GAL C . -24.61 -7.59 19.68
O5 A2G D . 29.38 -8.56 -6.52
C1 A2G D . 29.27 -9.93 -6.01
O1 A2G D . 30.27 -10.76 -6.62
C2 A2G D . 27.87 -10.49 -6.30
N2 A2G D . 27.75 -11.87 -5.83
C3 A2G D . 27.57 -10.41 -7.80
O3 A2G D . 26.21 -10.82 -8.03
C4 A2G D . 27.74 -8.96 -8.30
O4 A2G D . 26.78 -8.10 -7.66
C5 A2G D . 29.14 -8.47 -7.94
C6 A2G D . 29.32 -7.00 -8.30
O6 A2G D . 30.72 -6.67 -8.24
C7 A2G D . 27.07 -12.16 -4.74
O7 A2G D . 26.52 -11.32 -4.04
C8 A2G D . 27.04 -13.64 -4.38
C1 GAL D . 26.10 -11.80 -9.07
C2 GAL D . 24.71 -12.41 -8.97
C3 GAL D . 24.50 -13.34 -10.16
C4 GAL D . 24.75 -12.61 -11.47
C5 GAL D . 26.12 -11.92 -11.43
C6 GAL D . 26.39 -11.08 -12.67
O2 GAL D . 24.61 -13.15 -7.77
O3 GAL D . 23.18 -13.86 -10.10
O4 GAL D . 23.72 -11.66 -11.69
O5 GAL D . 26.18 -11.09 -10.28
O6 GAL D . 27.77 -10.78 -12.78
#